data_9AXG
#
_entry.id   9AXG
#
_cell.length_a   66.908
_cell.length_b   66.908
_cell.length_c   87.181
_cell.angle_alpha   90.000
_cell.angle_beta   90.000
_cell.angle_gamma   120.000
#
_symmetry.space_group_name_H-M   'P 64'
#
loop_
_entity.id
_entity.type
_entity.pdbx_description
1 polymer Saposin-B
2 non-polymer 'MALONATE ION'
3 water water
#
_entity_poly.entity_id   1
_entity_poly.type   'polypeptide(L)'
_entity_poly.pdbx_seq_one_letter_code
;GASGDVCQDCIQMVTDIQTAVRTNSTFVQALVEHVKEECDRLGPGMADICKNYISQYSEIAIQMMMHMQPKEICALVGFC
DE
;
_entity_poly.pdbx_strand_id   A,B
#
loop_
_chem_comp.id
_chem_comp.type
_chem_comp.name
_chem_comp.formula
MLI non-polymer 'MALONATE ION' 'C3 H2 O4 -2'
#
# COMPACT_ATOMS: atom_id res chain seq x y z
N GLY A 4 -3.92 14.80 9.08
CA GLY A 4 -2.62 15.30 8.65
C GLY A 4 -2.48 15.48 7.14
N ASP A 5 -1.29 15.96 6.73
CA ASP A 5 -0.95 16.11 5.32
C ASP A 5 -1.00 14.75 4.62
N VAL A 6 -0.39 13.74 5.23
CA VAL A 6 -0.38 12.38 4.69
C VAL A 6 -1.79 11.80 4.69
N CYS A 7 -2.58 12.10 5.72
CA CYS A 7 -3.96 11.66 5.80
C CYS A 7 -4.80 12.22 4.66
N GLN A 8 -4.69 13.53 4.42
CA GLN A 8 -5.45 14.16 3.34
C GLN A 8 -4.99 13.64 1.97
N ASP A 9 -3.69 13.43 1.82
CA ASP A 9 -3.15 12.88 0.58
C ASP A 9 -3.67 11.47 0.33
N CYS A 10 -3.76 10.67 1.39
CA CYS A 10 -4.29 9.31 1.26
C CYS A 10 -5.75 9.31 0.86
N ILE A 11 -6.56 10.18 1.48
CA ILE A 11 -7.98 10.25 1.10
C ILE A 11 -8.12 10.67 -0.36
N GLN A 12 -7.30 11.63 -0.79
CA GLN A 12 -7.24 12.05 -2.19
C GLN A 12 -6.90 10.87 -3.10
N MET A 13 -5.90 10.07 -2.70
CA MET A 13 -5.47 8.92 -3.48
C MET A 13 -6.53 7.84 -3.56
N VAL A 14 -7.14 7.49 -2.43
CA VAL A 14 -8.11 6.40 -2.43
C VAL A 14 -9.37 6.81 -3.17
N THR A 15 -9.77 8.10 -3.06
CA THR A 15 -10.90 8.62 -3.83
C THR A 15 -10.65 8.50 -5.33
N ASP A 16 -9.45 8.90 -5.78
CA ASP A 16 -9.17 8.77 -7.20
C ASP A 16 -8.93 7.33 -7.64
N ILE A 17 -8.51 6.45 -6.72
CA ILE A 17 -8.39 5.04 -7.08
C ILE A 17 -9.77 4.41 -7.30
N GLN A 18 -10.72 4.70 -6.40
CA GLN A 18 -12.10 4.24 -6.58
C GLN A 18 -12.72 4.83 -7.84
N THR A 19 -12.37 6.09 -8.15
CA THR A 19 -12.77 6.68 -9.43
C THR A 19 -12.15 5.91 -10.61
N ALA A 20 -10.88 5.53 -10.50
CA ALA A 20 -10.22 4.81 -11.58
C ALA A 20 -10.81 3.42 -11.78
N VAL A 21 -11.19 2.76 -10.68
CA VAL A 21 -11.84 1.45 -10.80
C VAL A 21 -13.22 1.59 -11.42
N ARG A 22 -13.94 2.67 -11.10
CA ARG A 22 -15.27 2.86 -11.69
C ARG A 22 -15.20 3.22 -13.17
N THR A 23 -14.24 4.06 -13.58
CA THR A 23 -14.20 4.56 -14.95
C THR A 23 -13.25 3.82 -15.88
N ASN A 24 -12.11 3.34 -15.40
CA ASN A 24 -11.12 2.69 -16.27
C ASN A 24 -11.28 1.18 -16.12
N SER A 25 -11.63 0.51 -17.22
CA SER A 25 -11.85 -0.93 -17.20
C SER A 25 -10.55 -1.71 -17.08
N THR A 26 -9.45 -1.16 -17.55
CA THR A 26 -8.16 -1.85 -17.54
C THR A 26 -7.27 -1.42 -16.38
N PHE A 27 -7.76 -0.59 -15.45
CA PHE A 27 -6.93 -0.07 -14.36
C PHE A 27 -6.55 -1.17 -13.38
N VAL A 28 -7.54 -1.97 -12.95
CA VAL A 28 -7.32 -3.02 -11.97
C VAL A 28 -6.46 -4.14 -12.55
N GLN A 29 -6.70 -4.50 -13.81
CA GLN A 29 -5.95 -5.58 -14.45
C GLN A 29 -4.48 -5.20 -14.57
N ALA A 30 -4.21 -3.99 -15.05
CA ALA A 30 -2.84 -3.49 -15.19
C ALA A 30 -2.14 -3.40 -13.84
N LEU A 31 -2.88 -2.96 -12.81
CA LEU A 31 -2.30 -2.84 -11.48
C LEU A 31 -1.94 -4.22 -10.90
N VAL A 32 -2.86 -5.19 -11.03
CA VAL A 32 -2.61 -6.53 -10.50
C VAL A 32 -1.47 -7.21 -11.27
N GLU A 33 -1.41 -7.00 -12.59
CA GLU A 33 -0.32 -7.53 -13.39
C GLU A 33 1.02 -6.91 -13.00
N HIS A 34 1.01 -5.63 -12.60
CA HIS A 34 2.27 -5.01 -12.20
C HIS A 34 2.77 -5.53 -10.85
N VAL A 35 1.86 -5.67 -9.86
CA VAL A 35 2.25 -6.23 -8.56
C VAL A 35 2.69 -7.68 -8.70
N LYS A 36 2.08 -8.43 -9.62
CA LYS A 36 2.55 -9.78 -9.89
C LYS A 36 3.92 -9.77 -10.56
N GLU A 37 4.20 -8.76 -11.40
CA GLU A 37 5.53 -8.61 -11.99
C GLU A 37 6.59 -8.22 -10.96
N GLU A 38 6.19 -7.62 -9.85
CA GLU A 38 7.13 -7.28 -8.79
C GLU A 38 7.33 -8.42 -7.81
N CYS A 39 6.57 -9.51 -7.93
CA CYS A 39 6.83 -10.73 -7.19
C CYS A 39 8.03 -11.50 -7.72
N ASP A 40 8.52 -11.15 -8.91
CA ASP A 40 9.66 -11.82 -9.52
C ASP A 40 10.96 -11.56 -8.76
N ARG A 41 11.00 -10.49 -7.94
CA ARG A 41 12.18 -10.16 -7.14
C ARG A 41 12.46 -11.16 -6.02
N LEU A 42 11.52 -12.06 -5.72
CA LEU A 42 11.74 -13.13 -4.75
C LEU A 42 12.54 -14.26 -5.41
N GLY A 43 12.67 -15.38 -4.69
CA GLY A 43 13.47 -16.48 -5.15
C GLY A 43 12.80 -17.23 -6.29
N PRO A 44 13.45 -18.30 -6.75
CA PRO A 44 12.84 -19.12 -7.81
C PRO A 44 11.55 -19.79 -7.40
N GLY A 45 11.55 -20.50 -6.26
CA GLY A 45 10.33 -21.12 -5.80
C GLY A 45 9.36 -20.15 -5.16
N MET A 46 9.85 -19.06 -4.56
CA MET A 46 8.98 -18.22 -3.75
C MET A 46 8.31 -17.10 -4.54
N ALA A 47 8.72 -16.86 -5.79
CA ALA A 47 7.97 -15.91 -6.62
C ALA A 47 6.57 -16.44 -6.93
N ASP A 48 6.45 -17.76 -7.14
CA ASP A 48 5.18 -18.38 -7.51
C ASP A 48 4.12 -18.25 -6.42
N ILE A 49 4.50 -18.42 -5.15
CA ILE A 49 3.52 -18.28 -4.07
C ILE A 49 3.13 -16.82 -3.89
N CYS A 50 4.02 -15.90 -4.22
CA CYS A 50 3.68 -14.47 -4.22
C CYS A 50 2.61 -14.15 -5.27
N LYS A 51 2.78 -14.68 -6.48
CA LYS A 51 1.77 -14.46 -7.52
C LYS A 51 0.46 -15.18 -7.23
N ASN A 52 0.50 -16.36 -6.59
CA ASN A 52 -0.75 -16.99 -6.16
C ASN A 52 -1.39 -16.28 -4.97
N TYR A 53 -0.58 -15.60 -4.15
CA TYR A 53 -1.12 -14.78 -3.07
C TYR A 53 -1.92 -13.61 -3.62
N ILE A 54 -1.39 -12.93 -4.63
CA ILE A 54 -2.17 -11.89 -5.30
C ILE A 54 -3.35 -12.49 -6.06
N SER A 55 -3.16 -13.67 -6.66
CA SER A 55 -4.20 -14.30 -7.49
C SER A 55 -5.45 -14.64 -6.69
N GLN A 56 -5.32 -14.87 -5.38
CA GLN A 56 -6.46 -15.21 -4.54
C GLN A 56 -6.91 -14.07 -3.63
N TYR A 57 -6.10 -13.05 -3.42
CA TYR A 57 -6.45 -11.98 -2.51
C TYR A 57 -6.55 -10.61 -3.19
N SER A 58 -6.42 -10.53 -4.52
CA SER A 58 -6.69 -9.27 -5.19
C SER A 58 -8.18 -8.95 -5.17
N GLU A 59 -9.02 -9.96 -5.35
CA GLU A 59 -10.47 -9.78 -5.42
C GLU A 59 -11.04 -9.20 -4.13
N ILE A 60 -10.67 -9.80 -2.99
CA ILE A 60 -11.17 -9.33 -1.72
C ILE A 60 -10.61 -7.94 -1.43
N ALA A 61 -9.39 -7.65 -1.90
CA ALA A 61 -8.79 -6.34 -1.68
C ALA A 61 -9.50 -5.26 -2.48
N ILE A 62 -9.74 -5.52 -3.78
CA ILE A 62 -10.40 -4.52 -4.62
C ILE A 62 -11.84 -4.31 -4.19
N GLN A 63 -12.58 -5.39 -3.98
CA GLN A 63 -13.98 -5.22 -3.59
C GLN A 63 -14.11 -4.64 -2.18
N MET A 64 -13.19 -5.00 -1.27
CA MET A 64 -13.16 -4.42 0.06
C MET A 64 -12.86 -2.93 -0.01
N MET A 65 -11.96 -2.52 -0.91
CA MET A 65 -11.67 -1.11 -1.10
C MET A 65 -12.89 -0.37 -1.65
N MET A 66 -13.58 -0.95 -2.62
CA MET A 66 -14.70 -0.24 -3.22
C MET A 66 -15.94 -0.24 -2.35
N HIS A 67 -15.99 -1.05 -1.30
CA HIS A 67 -17.14 -1.06 -0.40
C HIS A 67 -17.01 -0.15 0.81
N MET A 68 -15.88 0.53 0.98
CA MET A 68 -15.75 1.49 2.07
C MET A 68 -15.41 2.88 1.56
N GLN A 69 -15.62 3.86 2.44
CA GLN A 69 -15.22 5.24 2.16
C GLN A 69 -13.70 5.38 2.24
N PRO A 70 -13.12 6.34 1.52
CA PRO A 70 -11.64 6.49 1.53
C PRO A 70 -11.03 6.80 2.88
N LYS A 71 -11.71 7.57 3.75
CA LYS A 71 -11.16 7.86 5.08
C LYS A 71 -11.09 6.60 5.92
N GLU A 72 -12.07 5.70 5.78
CA GLU A 72 -12.00 4.39 6.42
C GLU A 72 -10.84 3.56 5.89
N ILE A 73 -10.58 3.63 4.57
CA ILE A 73 -9.44 2.92 3.98
C ILE A 73 -8.14 3.42 4.58
N CYS A 74 -7.98 4.74 4.68
CA CYS A 74 -6.75 5.29 5.21
C CYS A 74 -6.64 5.12 6.73
N ALA A 75 -7.78 5.06 7.42
CA ALA A 75 -7.77 4.71 8.83
C ALA A 75 -7.33 3.26 9.01
N LEU A 76 -7.75 2.38 8.11
CA LEU A 76 -7.36 0.98 8.19
C LEU A 76 -5.88 0.81 7.88
N VAL A 77 -5.39 1.50 6.85
CA VAL A 77 -3.99 1.35 6.43
C VAL A 77 -3.05 2.02 7.44
N GLY A 78 -3.43 3.19 7.95
CA GLY A 78 -2.70 3.77 9.05
C GLY A 78 -2.29 5.22 8.83
N PHE A 79 -2.64 5.76 7.67
CA PHE A 79 -2.25 7.13 7.37
C PHE A 79 -3.21 8.16 7.93
N CYS A 80 -4.39 7.75 8.42
CA CYS A 80 -5.36 8.66 9.02
C CYS A 80 -5.73 8.18 10.41
N ASP A 81 -6.02 9.16 11.29
CA ASP A 81 -6.34 8.97 12.71
C ASP A 81 -5.25 8.18 13.44
N GLY B 1 -6.02 10.97 -17.36
CA GLY B 1 -7.36 10.80 -16.82
C GLY B 1 -7.41 10.37 -15.37
N ALA B 2 -8.18 9.31 -15.10
CA ALA B 2 -8.39 8.87 -13.72
C ALA B 2 -7.15 8.21 -13.14
N SER B 3 -6.42 7.44 -13.95
CA SER B 3 -5.21 6.78 -13.47
C SER B 3 -4.03 7.73 -13.35
N GLY B 4 -3.99 8.79 -14.18
CA GLY B 4 -2.98 9.82 -14.02
C GLY B 4 -3.14 10.61 -12.74
N ASP B 5 -4.40 10.86 -12.34
CA ASP B 5 -4.69 11.46 -11.05
C ASP B 5 -4.18 10.59 -9.91
N VAL B 6 -4.31 9.26 -10.06
CA VAL B 6 -3.81 8.33 -9.05
C VAL B 6 -2.29 8.43 -8.94
N CYS B 7 -1.60 8.52 -10.08
CA CYS B 7 -0.14 8.69 -10.10
C CYS B 7 0.28 9.99 -9.41
N GLN B 8 -0.41 11.09 -9.71
CA GLN B 8 -0.13 12.38 -9.06
C GLN B 8 -0.34 12.29 -7.54
N ASP B 9 -1.45 11.68 -7.12
CA ASP B 9 -1.76 11.51 -5.71
C ASP B 9 -0.70 10.67 -5.01
N CYS B 10 -0.19 9.63 -5.70
CA CYS B 10 0.84 8.79 -5.13
C CYS B 10 2.15 9.56 -4.92
N ILE B 11 2.57 10.36 -5.92
CA ILE B 11 3.81 11.13 -5.78
C ILE B 11 3.71 12.09 -4.61
N GLN B 12 2.59 12.82 -4.53
CA GLN B 12 2.37 13.75 -3.44
C GLN B 12 2.34 13.05 -2.08
N MET B 13 1.68 11.90 -2.00
CA MET B 13 1.56 11.22 -0.72
C MET B 13 2.88 10.60 -0.28
N VAL B 14 3.62 10.02 -1.22
CA VAL B 14 4.87 9.37 -0.84
C VAL B 14 5.92 10.43 -0.50
N THR B 15 5.89 11.58 -1.19
CA THR B 15 6.76 12.68 -0.81
C THR B 15 6.43 13.21 0.58
N ASP B 16 5.13 13.33 0.90
CA ASP B 16 4.78 13.77 2.24
C ASP B 16 5.03 12.70 3.30
N ILE B 17 5.01 11.42 2.92
CA ILE B 17 5.38 10.34 3.84
C ILE B 17 6.87 10.38 4.16
N GLN B 18 7.70 10.63 3.13
CA GLN B 18 9.14 10.78 3.33
C GLN B 18 9.44 11.96 4.24
N THR B 19 8.70 13.06 4.04
CA THR B 19 8.82 14.21 4.93
C THR B 19 8.43 13.86 6.36
N ALA B 20 7.31 13.13 6.53
CA ALA B 20 6.83 12.81 7.87
C ALA B 20 7.78 11.88 8.62
N VAL B 21 8.46 10.98 7.91
CA VAL B 21 9.48 10.17 8.57
C VAL B 21 10.67 11.02 8.97
N ARG B 22 11.10 11.94 8.09
CA ARG B 22 12.25 12.76 8.42
C ARG B 22 11.97 13.82 9.48
N THR B 23 10.72 14.23 9.66
CA THR B 23 10.41 15.36 10.53
C THR B 23 9.66 14.99 11.80
N ASN B 24 9.09 13.78 11.88
CA ASN B 24 8.33 13.35 13.04
C ASN B 24 8.95 12.09 13.59
N SER B 25 9.32 12.14 14.87
CA SER B 25 10.00 11.02 15.51
C SER B 25 9.05 9.89 15.87
N THR B 26 7.75 10.14 15.88
CA THR B 26 6.77 9.13 16.29
C THR B 26 5.92 8.62 15.13
N PHE B 27 6.18 9.09 13.91
CA PHE B 27 5.34 8.73 12.77
C PHE B 27 5.45 7.25 12.43
N VAL B 28 6.68 6.75 12.31
CA VAL B 28 6.95 5.34 11.99
C VAL B 28 6.42 4.42 13.08
N GLN B 29 6.62 4.79 14.36
CA GLN B 29 6.15 3.99 15.48
C GLN B 29 4.64 3.80 15.44
N ALA B 30 3.89 4.90 15.30
CA ALA B 30 2.44 4.85 15.30
C ALA B 30 1.93 4.09 14.08
N LEU B 31 2.60 4.26 12.94
CA LEU B 31 2.21 3.54 11.73
C LEU B 31 2.40 2.03 11.88
N VAL B 32 3.57 1.59 12.36
CA VAL B 32 3.78 0.15 12.50
C VAL B 32 2.97 -0.43 13.66
N GLU B 33 2.64 0.38 14.67
CA GLU B 33 1.76 -0.09 15.74
C GLU B 33 0.35 -0.31 15.21
N HIS B 34 -0.12 0.58 14.31
CA HIS B 34 -1.43 0.40 13.73
C HIS B 34 -1.48 -0.78 12.76
N VAL B 35 -0.39 -1.00 12.02
CA VAL B 35 -0.34 -2.14 11.11
C VAL B 35 -0.30 -3.46 11.89
N LYS B 36 0.41 -3.48 13.03
CA LYS B 36 0.41 -4.67 13.86
C LYS B 36 -0.96 -4.92 14.51
N GLU B 37 -1.67 -3.85 14.89
CA GLU B 37 -3.05 -4.03 15.36
C GLU B 37 -3.97 -4.54 14.25
N GLU B 38 -3.69 -4.16 13.00
CA GLU B 38 -4.51 -4.65 11.89
C GLU B 38 -4.26 -6.12 11.58
N CYS B 39 -3.14 -6.69 12.06
CA CYS B 39 -2.89 -8.11 11.90
C CYS B 39 -3.82 -8.98 12.75
N ASP B 40 -4.45 -8.40 13.77
CA ASP B 40 -5.25 -9.15 14.72
C ASP B 40 -6.55 -9.69 14.12
N ARG B 41 -6.96 -9.18 12.95
CA ARG B 41 -8.15 -9.69 12.27
C ARG B 41 -7.94 -11.09 11.70
N LEU B 42 -6.70 -11.52 11.56
CA LEU B 42 -6.38 -12.86 11.05
C LEU B 42 -6.49 -13.88 12.19
N GLY B 43 -6.03 -15.10 11.94
CA GLY B 43 -6.09 -16.17 12.90
C GLY B 43 -5.19 -15.92 14.10
N PRO B 44 -5.56 -16.45 15.27
CA PRO B 44 -4.82 -16.12 16.51
C PRO B 44 -3.37 -16.58 16.51
N GLY B 45 -3.08 -17.74 15.92
CA GLY B 45 -1.69 -18.15 15.78
C GLY B 45 -0.93 -17.31 14.76
N MET B 46 -1.61 -16.84 13.72
CA MET B 46 -0.96 -16.17 12.61
C MET B 46 -1.15 -14.66 12.61
N ALA B 47 -1.95 -14.12 13.53
CA ALA B 47 -1.88 -12.69 13.80
C ALA B 47 -0.52 -12.32 14.35
N ASP B 48 0.04 -13.16 15.23
CA ASP B 48 1.38 -12.93 15.73
C ASP B 48 2.44 -13.20 14.66
N ILE B 49 2.17 -14.13 13.74
CA ILE B 49 3.06 -14.33 12.58
C ILE B 49 3.06 -13.09 11.70
N CYS B 50 1.87 -12.50 11.49
CA CYS B 50 1.76 -11.25 10.75
C CYS B 50 2.51 -10.11 11.45
N LYS B 51 2.35 -10.03 12.78
CA LYS B 51 2.97 -8.97 13.57
C LYS B 51 4.49 -9.05 13.53
N ASN B 52 5.05 -10.25 13.67
CA ASN B 52 6.49 -10.36 13.63
C ASN B 52 7.06 -10.48 12.23
N TYR B 53 6.22 -10.69 11.21
CA TYR B 53 6.66 -10.44 9.84
C TYR B 53 6.77 -8.94 9.58
N ILE B 54 5.90 -8.16 10.20
CA ILE B 54 6.02 -6.71 10.15
C ILE B 54 7.27 -6.26 10.91
N SER B 55 7.54 -6.88 12.07
CA SER B 55 8.68 -6.50 12.90
C SER B 55 10.01 -6.80 12.22
N GLN B 56 10.13 -7.96 11.57
CA GLN B 56 11.39 -8.34 10.96
C GLN B 56 11.69 -7.52 9.72
N TYR B 57 10.65 -7.01 9.05
CA TYR B 57 10.81 -6.40 7.74
C TYR B 57 10.33 -4.94 7.70
N SER B 58 10.14 -4.30 8.85
CA SER B 58 9.86 -2.86 8.80
C SER B 58 11.13 -2.06 8.52
N GLU B 59 12.29 -2.60 8.90
CA GLU B 59 13.54 -1.85 8.73
C GLU B 59 13.94 -1.77 7.27
N ILE B 60 13.85 -2.89 6.55
CA ILE B 60 14.08 -2.88 5.12
C ILE B 60 13.06 -1.99 4.42
N ALA B 61 11.82 -2.03 4.89
CA ALA B 61 10.74 -1.31 4.23
C ALA B 61 10.92 0.20 4.33
N ILE B 62 11.18 0.70 5.55
CA ILE B 62 11.38 2.12 5.76
C ILE B 62 12.67 2.59 5.11
N GLN B 63 13.77 1.83 5.27
CA GLN B 63 15.05 2.30 4.75
C GLN B 63 15.10 2.25 3.22
N MET B 64 14.53 1.18 2.61
CA MET B 64 14.43 1.11 1.16
C MET B 64 13.51 2.19 0.61
N MET B 65 12.42 2.49 1.29
CA MET B 65 11.55 3.59 0.85
C MET B 65 12.21 4.94 1.06
N MET B 66 13.15 5.04 2.01
CA MET B 66 13.88 6.28 2.23
C MET B 66 14.92 6.54 1.14
N HIS B 67 15.62 5.51 0.68
CA HIS B 67 16.67 5.73 -0.32
C HIS B 67 16.14 5.61 -1.76
N MET B 68 14.91 6.02 -1.98
CA MET B 68 14.24 5.91 -3.26
C MET B 68 13.48 7.21 -3.54
N GLN B 69 13.50 7.63 -4.80
CA GLN B 69 12.67 8.75 -5.21
C GLN B 69 11.20 8.33 -5.17
N PRO B 70 10.28 9.27 -4.88
CA PRO B 70 8.85 8.92 -4.84
C PRO B 70 8.30 8.34 -6.13
N LYS B 71 8.85 8.75 -7.28
CA LYS B 71 8.38 8.19 -8.54
C LYS B 71 8.73 6.72 -8.68
N GLU B 72 9.93 6.31 -8.20
CA GLU B 72 10.28 4.90 -8.23
C GLU B 72 9.36 4.08 -7.33
N ILE B 73 9.00 4.63 -6.17
CA ILE B 73 8.11 3.94 -5.24
C ILE B 73 6.73 3.76 -5.86
N CYS B 74 6.22 4.82 -6.50
CA CYS B 74 4.91 4.73 -7.12
C CYS B 74 4.94 3.84 -8.35
N ALA B 75 6.03 3.86 -9.11
CA ALA B 75 6.18 2.93 -10.23
C ALA B 75 6.28 1.49 -9.74
N LEU B 76 6.88 1.28 -8.56
CA LEU B 76 7.01 -0.06 -8.03
C LEU B 76 5.66 -0.60 -7.54
N VAL B 77 4.87 0.23 -6.84
CA VAL B 77 3.54 -0.22 -6.43
C VAL B 77 2.52 -0.24 -7.56
N GLY B 78 2.83 0.36 -8.71
CA GLY B 78 1.97 0.28 -9.87
C GLY B 78 1.08 1.47 -10.12
N PHE B 79 1.08 2.47 -9.24
CA PHE B 79 0.25 3.65 -9.46
C PHE B 79 0.83 4.59 -10.51
N CYS B 80 2.11 4.44 -10.88
CA CYS B 80 2.69 5.26 -11.92
C CYS B 80 3.35 4.37 -12.96
N ASP B 81 3.50 4.95 -14.16
CA ASP B 81 4.00 4.30 -15.38
C ASP B 81 3.14 3.08 -15.71
C1 MLI C . 15.87 11.01 -3.14
C2 MLI C . 14.80 10.95 -2.03
C3 MLI C . 16.70 9.72 -3.28
O6 MLI C . 13.99 11.89 -1.96
O7 MLI C . 14.82 9.96 -1.27
O8 MLI C . 16.53 9.03 -4.30
O9 MLI C . 17.48 9.44 -2.34
#